data_4UFZ
#
_entry.id   4UFZ
#
_cell.length_a   138.814
_cell.length_b   138.814
_cell.length_c   56.165
_cell.angle_alpha   90.00
_cell.angle_beta   90.00
_cell.angle_gamma   90.00
#
_symmetry.space_group_name_H-M   'P 43 21 2'
#
loop_
_entity.id
_entity.type
_entity.pdbx_description
1 polymer 'DNA LIGASE'
2 non-polymer 5,7-bis(azanyl)-2-tert-butyl-4-(1,3-thiazol-2-yl)pyrido[2,3-d]pyrimidine-6-carbonitrile
3 non-polymer 1-(2,4-dimethylbenzyl)-6-oxo-1,6-dihydropyridine-3-carboxamide
4 water water
#
_entity_poly.entity_id   1
_entity_poly.type   'polypeptide(L)'
_entity_poly.pdbx_seq_one_letter_code
;MTNIQTQLDNLRKTLRQYEYEYHVLDNPSVPDSEYDRLFHQLKALELEHPEFLTSDSPTQRVGAKPLSGFSQIRHEIPML
SLDNAFSDAEFNAFVKRIEDRLILLPKPLTFCCEPKLDGLAVSILYVNGELTQAATRGDGTTGEDITANIRTIRNVPLQL
LTDNPPARLEVRGEVFMPHAGFERLNKYALEHNEKTFANPRNAAAGSLRQLDPNITSKRPLVLNAYGIGIAEGVDLPTTH
YARLQWLKSIGIPVNPEIRLCNGADEVLGFYRDIQNKRSSLGYDIDGTVLKINDIALQNELGFISKAPRWAIAYKFPAQE
ELTL
;
_entity_poly.pdbx_strand_id   A
#
loop_
_chem_comp.id
_chem_comp.type
_chem_comp.name
_chem_comp.formula
IA7 non-polymer 5,7-bis(azanyl)-2-tert-butyl-4-(1,3-thiazol-2-yl)pyrido[2,3-d]pyrimidine-6-carbonitrile 'C15 H15 N7 S'
IWH non-polymer 1-(2,4-dimethylbenzyl)-6-oxo-1,6-dihydropyridine-3-carboxamide 'C15 H16 N2 O2'
#
# COMPACT_ATOMS: atom_id res chain seq x y z
N MET A 1 -5.67 23.31 29.87
CA MET A 1 -6.58 22.26 29.44
C MET A 1 -8.02 22.81 29.27
N THR A 2 -8.75 22.35 28.21
CA THR A 2 -10.15 22.71 28.01
C THR A 2 -10.93 21.46 27.78
N ASN A 3 -12.23 21.51 28.00
CA ASN A 3 -13.07 20.36 27.71
C ASN A 3 -13.11 20.10 26.19
N ILE A 4 -13.09 21.15 25.36
CA ILE A 4 -13.12 21.02 23.90
C ILE A 4 -11.89 20.30 23.39
N GLN A 5 -10.67 20.77 23.71
CA GLN A 5 -9.46 20.09 23.24
C GLN A 5 -9.43 18.61 23.63
N THR A 6 -9.94 18.28 24.84
CA THR A 6 -10.00 16.91 25.34
C THR A 6 -10.99 16.07 24.55
N GLN A 7 -12.23 16.55 24.32
CA GLN A 7 -13.20 15.72 23.59
C GLN A 7 -12.82 15.60 22.11
N LEU A 8 -12.06 16.54 21.55
CA LEU A 8 -11.55 16.43 20.17
C LEU A 8 -10.46 15.37 20.10
N ASP A 9 -9.52 15.40 21.08
CA ASP A 9 -8.45 14.39 21.18
C ASP A 9 -9.03 13.00 21.36
N ASN A 10 -10.09 12.87 22.17
CA ASN A 10 -10.71 11.55 22.41
C ASN A 10 -11.45 11.03 21.20
N LEU A 11 -12.18 11.89 20.50
CA LEU A 11 -12.91 11.54 19.27
C LEU A 11 -11.93 11.09 18.22
N ARG A 12 -10.86 11.84 18.01
CA ARG A 12 -9.85 11.50 17.00
C ARG A 12 -9.20 10.14 17.23
N LYS A 13 -8.80 9.86 18.47
CA LYS A 13 -8.16 8.60 18.87
C LYS A 13 -9.13 7.43 18.66
N THR A 14 -10.39 7.61 19.04
CA THR A 14 -11.42 6.59 18.90
C THR A 14 -11.71 6.32 17.44
N LEU A 15 -11.87 7.38 16.62
CA LEU A 15 -12.11 7.25 15.20
C LEU A 15 -10.96 6.59 14.46
N ARG A 16 -9.71 6.96 14.73
CA ARG A 16 -8.54 6.33 14.10
C ARG A 16 -8.48 4.84 14.44
N GLN A 17 -8.82 4.48 15.67
CA GLN A 17 -8.84 3.08 16.13
C GLN A 17 -9.95 2.29 15.43
N TYR A 18 -11.14 2.87 15.28
CA TYR A 18 -12.23 2.23 14.51
C TYR A 18 -11.85 2.06 12.99
N GLU A 19 -11.16 3.02 12.41
CA GLU A 19 -10.72 2.97 11.00
C GLU A 19 -9.72 1.84 10.81
N TYR A 20 -8.85 1.63 11.80
CA TYR A 20 -7.89 0.53 11.83
C TYR A 20 -8.61 -0.81 11.88
N GLU A 21 -9.55 -0.95 12.80
CA GLU A 21 -10.35 -2.17 12.97
C GLU A 21 -11.15 -2.53 11.74
N TYR A 22 -11.82 -1.53 11.18
CA TYR A 22 -12.62 -1.72 9.97
C TYR A 22 -11.80 -2.02 8.71
N HIS A 23 -10.77 -1.22 8.46
CA HIS A 23 -9.94 -1.28 7.25
C HIS A 23 -8.81 -2.27 7.28
N VAL A 24 -8.01 -2.27 8.35
CA VAL A 24 -6.83 -3.13 8.42
C VAL A 24 -7.17 -4.50 9.01
N LEU A 25 -7.87 -4.53 10.15
CA LEU A 25 -8.22 -5.82 10.78
C LEU A 25 -9.40 -6.50 10.16
N ASP A 26 -10.31 -5.75 9.48
CA ASP A 26 -11.52 -6.29 8.90
C ASP A 26 -12.34 -6.95 10.04
N ASN A 27 -12.41 -6.24 11.16
CA ASN A 27 -13.09 -6.70 12.34
C ASN A 27 -13.49 -5.48 13.15
N PRO A 28 -14.44 -4.69 12.62
CA PRO A 28 -14.88 -3.49 13.36
C PRO A 28 -15.56 -3.83 14.69
N SER A 29 -15.20 -3.11 15.76
CA SER A 29 -15.80 -3.34 17.07
C SER A 29 -17.14 -2.61 17.22
N VAL A 30 -17.48 -1.66 16.31
CA VAL A 30 -18.75 -0.94 16.34
C VAL A 30 -19.42 -0.92 14.96
N PRO A 31 -20.75 -0.69 14.90
CA PRO A 31 -21.43 -0.57 13.59
C PRO A 31 -20.96 0.67 12.82
N ASP A 32 -21.17 0.65 11.51
CA ASP A 32 -20.85 1.79 10.62
C ASP A 32 -21.53 3.09 11.07
N SER A 33 -22.76 2.99 11.57
CA SER A 33 -23.52 4.14 12.09
C SER A 33 -22.89 4.78 13.29
N GLU A 34 -22.34 3.97 14.22
CA GLU A 34 -21.71 4.50 15.42
C GLU A 34 -20.46 5.28 15.04
N TYR A 35 -19.67 4.72 14.12
CA TYR A 35 -18.48 5.40 13.63
C TYR A 35 -18.89 6.80 13.05
N ASP A 36 -19.93 6.82 12.22
CA ASP A 36 -20.42 8.03 11.59
C ASP A 36 -20.93 9.05 12.60
N ARG A 37 -21.64 8.59 13.64
CA ARG A 37 -22.14 9.45 14.69
C ARG A 37 -21.01 10.28 15.28
N LEU A 38 -19.94 9.60 15.66
CA LEU A 38 -18.78 10.25 16.23
C LEU A 38 -18.02 11.05 15.19
N PHE A 39 -17.95 10.56 13.94
CA PHE A 39 -17.26 11.30 12.88
C PHE A 39 -17.85 12.68 12.66
N HIS A 40 -19.16 12.77 12.43
N HIS A 40 -19.19 12.74 12.47
CA HIS A 40 -19.77 14.07 12.16
CA HIS A 40 -19.96 13.98 12.22
C HIS A 40 -19.94 14.89 13.46
C HIS A 40 -19.99 14.87 13.47
N GLN A 41 -19.82 14.25 14.64
CA GLN A 41 -19.77 14.97 15.93
C GLN A 41 -18.39 15.67 16.03
N LEU A 42 -17.30 14.98 15.66
CA LEU A 42 -15.97 15.60 15.59
C LEU A 42 -15.96 16.73 14.55
N LYS A 43 -16.52 16.47 13.37
CA LYS A 43 -16.54 17.46 12.29
C LYS A 43 -17.24 18.77 12.71
N ALA A 44 -18.42 18.68 13.31
CA ALA A 44 -19.19 19.84 13.77
C ALA A 44 -18.43 20.63 14.83
N LEU A 45 -17.93 19.94 15.86
CA LEU A 45 -17.14 20.52 16.95
C LEU A 45 -15.91 21.24 16.44
N GLU A 46 -15.18 20.62 15.51
CA GLU A 46 -14.02 21.26 14.87
C GLU A 46 -14.40 22.53 14.16
N LEU A 47 -15.57 22.55 13.50
CA LEU A 47 -16.03 23.72 12.75
C LEU A 47 -16.54 24.83 13.69
N GLU A 48 -17.06 24.44 14.85
CA GLU A 48 -17.48 25.39 15.88
C GLU A 48 -16.28 25.96 16.67
N HIS A 49 -15.11 25.31 16.62
CA HIS A 49 -13.88 25.69 17.38
C HIS A 49 -12.70 25.42 16.46
N PRO A 50 -12.62 26.19 15.36
CA PRO A 50 -11.58 25.94 14.34
C PRO A 50 -10.13 26.15 14.75
N GLU A 51 -9.91 26.75 15.93
CA GLU A 51 -8.56 26.95 16.47
C GLU A 51 -7.93 25.57 16.84
N PHE A 52 -8.77 24.58 17.17
CA PHE A 52 -8.31 23.24 17.52
C PHE A 52 -8.39 22.25 16.33
N LEU A 53 -8.56 22.76 15.09
CA LEU A 53 -8.58 21.90 13.91
C LEU A 53 -7.14 21.47 13.54
N THR A 54 -6.92 20.16 13.30
CA THR A 54 -5.62 19.62 12.92
C THR A 54 -5.69 19.08 11.50
N SER A 55 -4.54 19.16 10.80
CA SER A 55 -4.39 18.76 9.41
C SER A 55 -4.51 17.25 9.19
N ASP A 56 -4.18 16.46 10.22
CA ASP A 56 -4.22 15.00 10.14
C ASP A 56 -5.43 14.42 10.87
N SER A 57 -6.45 15.24 11.15
CA SER A 57 -7.66 14.76 11.78
C SER A 57 -8.43 13.88 10.80
N PRO A 58 -9.17 12.84 11.29
CA PRO A 58 -9.95 11.99 10.36
C PRO A 58 -10.94 12.71 9.43
N THR A 59 -11.33 13.94 9.76
CA THR A 59 -12.26 14.75 8.97
C THR A 59 -11.64 15.55 7.86
N GLN A 60 -10.31 15.57 7.75
CA GLN A 60 -9.55 16.40 6.80
C GLN A 60 -8.94 15.66 5.64
N ARG A 61 -9.59 14.60 5.15
CA ARG A 61 -9.04 13.83 4.04
C ARG A 61 -9.14 14.48 2.68
N VAL A 62 -10.19 15.29 2.44
CA VAL A 62 -10.50 15.87 1.11
C VAL A 62 -10.29 17.37 0.99
N GLY A 63 -9.42 17.78 0.08
CA GLY A 63 -9.21 19.20 -0.22
C GLY A 63 -10.45 19.83 -0.85
N ALA A 64 -10.84 21.01 -0.33
CA ALA A 64 -12.02 21.75 -0.81
C ALA A 64 -11.80 22.36 -2.19
N LYS A 65 -10.51 22.60 -2.57
CA LYS A 65 -10.11 23.24 -3.81
C LYS A 65 -9.40 22.29 -4.79
N PRO A 66 -9.97 22.11 -6.00
CA PRO A 66 -9.25 21.33 -7.04
C PRO A 66 -7.89 21.93 -7.40
N LEU A 67 -6.89 21.07 -7.64
CA LEU A 67 -5.53 21.49 -7.98
C LEU A 67 -5.42 21.97 -9.45
N SER A 68 -4.37 22.73 -9.73
CA SER A 68 -4.08 23.24 -11.07
C SER A 68 -3.29 22.21 -11.90
N GLY A 69 -2.46 21.43 -11.21
CA GLY A 69 -1.64 20.39 -11.83
C GLY A 69 -0.78 19.68 -10.80
N PHE A 70 -0.12 18.58 -11.21
CA PHE A 70 0.75 17.82 -10.29
C PHE A 70 2.20 18.23 -10.40
N SER A 71 2.83 18.48 -9.24
CA SER A 71 4.26 18.76 -9.18
C SER A 71 5.01 17.42 -9.37
N GLN A 72 6.28 17.47 -9.75
CA GLN A 72 7.11 16.28 -9.93
C GLN A 72 7.96 16.06 -8.69
N ILE A 73 8.10 14.79 -8.27
CA ILE A 73 8.86 14.39 -7.08
C ILE A 73 9.92 13.40 -7.49
N ARG A 74 11.19 13.69 -7.17
CA ARG A 74 12.28 12.75 -7.42
C ARG A 74 12.37 11.88 -6.16
N HIS A 75 12.29 10.55 -6.31
CA HIS A 75 12.33 9.66 -5.15
C HIS A 75 13.74 9.66 -4.60
N GLU A 76 13.89 9.74 -3.26
CA GLU A 76 15.20 9.68 -2.60
C GLU A 76 15.81 8.32 -2.81
N ILE A 77 14.98 7.29 -2.66
CA ILE A 77 15.36 5.90 -2.90
C ILE A 77 14.57 5.52 -4.15
N PRO A 78 15.19 5.05 -5.23
CA PRO A 78 14.41 4.75 -6.43
C PRO A 78 13.52 3.53 -6.24
N MET A 79 12.41 3.50 -6.97
CA MET A 79 11.45 2.42 -6.92
C MET A 79 11.81 1.44 -8.05
N LEU A 80 12.31 0.26 -7.68
CA LEU A 80 12.76 -0.75 -8.63
C LEU A 80 11.61 -1.52 -9.26
N SER A 81 11.94 -2.29 -10.30
CA SER A 81 11.01 -3.11 -11.07
C SER A 81 11.12 -4.53 -10.60
N LEU A 82 10.26 -5.41 -11.11
CA LEU A 82 10.27 -6.83 -10.75
C LEU A 82 10.62 -7.69 -11.95
N ASP A 83 11.35 -8.77 -11.67
CA ASP A 83 11.67 -9.80 -12.65
C ASP A 83 10.38 -10.60 -12.78
N ASN A 84 10.21 -11.33 -13.86
CA ASN A 84 9.00 -12.14 -14.03
C ASN A 84 9.31 -13.51 -14.56
N ALA A 85 8.34 -14.42 -14.34
CA ALA A 85 8.39 -15.81 -14.74
C ALA A 85 7.04 -16.20 -15.28
N PHE A 86 7.01 -17.19 -16.16
CA PHE A 86 5.78 -17.61 -16.81
C PHE A 86 5.53 -19.11 -16.72
N SER A 87 6.31 -19.83 -15.90
CA SER A 87 6.13 -21.27 -15.77
C SER A 87 6.79 -21.78 -14.53
N ASP A 88 6.43 -23.02 -14.15
CA ASP A 88 7.01 -23.73 -13.01
C ASP A 88 8.49 -23.95 -13.22
N ALA A 89 8.88 -24.45 -14.43
CA ALA A 89 10.28 -24.70 -14.79
C ALA A 89 11.09 -23.42 -14.75
N GLU A 90 10.53 -22.33 -15.31
CA GLU A 90 11.20 -21.02 -15.27
C GLU A 90 11.38 -20.56 -13.84
N PHE A 91 10.35 -20.70 -12.98
CA PHE A 91 10.46 -20.33 -11.57
C PHE A 91 11.53 -21.18 -10.89
N ASN A 92 11.54 -22.49 -11.14
CA ASN A 92 12.55 -23.38 -10.53
C ASN A 92 13.97 -23.01 -10.90
N ALA A 93 14.19 -22.56 -12.16
CA ALA A 93 15.52 -22.13 -12.66
C ALA A 93 15.99 -20.85 -11.95
N PHE A 94 15.05 -19.94 -11.68
CA PHE A 94 15.31 -18.71 -10.92
C PHE A 94 15.79 -19.06 -9.51
N VAL A 95 15.15 -20.07 -8.89
CA VAL A 95 15.52 -20.54 -7.55
C VAL A 95 16.87 -21.27 -7.63
N LYS A 96 17.07 -22.20 -8.59
CA LYS A 96 18.37 -22.91 -8.71
C LYS A 96 19.54 -21.95 -8.91
N ARG A 97 19.34 -20.85 -9.65
CA ARG A 97 20.37 -19.83 -9.81
C ARG A 97 20.68 -19.12 -8.47
N ILE A 98 19.65 -18.78 -7.65
CA ILE A 98 19.86 -18.15 -6.32
C ILE A 98 20.62 -19.13 -5.44
N GLU A 99 20.22 -20.41 -5.44
CA GLU A 99 20.87 -21.45 -4.66
C GLU A 99 22.37 -21.49 -4.95
N ASP A 100 22.74 -21.48 -6.25
CA ASP A 100 24.15 -21.52 -6.68
C ASP A 100 24.89 -20.22 -6.35
N ARG A 101 24.24 -19.08 -6.57
CA ARG A 101 24.85 -17.77 -6.36
C ARG A 101 25.10 -17.41 -4.88
N LEU A 102 24.31 -17.95 -3.94
CA LEU A 102 24.50 -17.68 -2.50
C LEU A 102 25.79 -18.33 -1.98
N ILE A 103 26.47 -17.64 -1.04
CA ILE A 103 27.69 -18.15 -0.39
C ILE A 103 27.30 -19.42 0.38
N LEU A 104 26.36 -19.25 1.32
CA LEU A 104 25.85 -20.34 2.17
C LEU A 104 24.34 -20.45 1.91
N LEU A 105 23.90 -21.61 1.41
CA LEU A 105 22.48 -21.86 1.14
C LEU A 105 21.84 -22.42 2.42
N PRO A 106 20.84 -21.75 3.03
CA PRO A 106 20.19 -22.36 4.21
C PRO A 106 19.16 -23.42 3.81
N LYS A 107 18.93 -24.36 4.72
CA LYS A 107 17.96 -25.43 4.58
C LYS A 107 17.00 -25.21 5.76
N PRO A 108 15.79 -24.61 5.57
CA PRO A 108 15.12 -24.27 4.30
C PRO A 108 15.39 -22.87 3.75
N LEU A 109 15.07 -22.67 2.46
CA LEU A 109 15.13 -21.37 1.81
C LEU A 109 13.69 -20.84 1.83
N THR A 110 13.42 -19.91 2.75
CA THR A 110 12.07 -19.37 2.97
C THR A 110 11.77 -18.19 2.07
N PHE A 111 10.60 -18.25 1.45
CA PHE A 111 10.09 -17.21 0.56
C PHE A 111 8.84 -16.57 1.17
N CYS A 112 8.71 -15.24 1.05
CA CYS A 112 7.49 -14.52 1.40
C CYS A 112 6.72 -14.42 0.09
N CYS A 113 5.53 -15.05 0.02
CA CYS A 113 4.66 -15.17 -1.14
C CYS A 113 3.42 -14.34 -0.99
N GLU A 114 3.12 -13.51 -1.99
CA GLU A 114 2.06 -12.53 -1.96
C GLU A 114 1.32 -12.49 -3.27
N PRO A 115 0.05 -12.07 -3.29
CA PRO A 115 -0.60 -11.86 -4.60
C PRO A 115 -0.01 -10.62 -5.28
N LYS A 116 0.02 -10.62 -6.61
CA LYS A 116 0.49 -9.47 -7.36
C LYS A 116 -0.76 -8.73 -7.77
N LEU A 117 -1.03 -7.63 -7.12
CA LEU A 117 -2.20 -6.81 -7.41
C LEU A 117 -2.01 -6.06 -8.70
N ASP A 118 -3.13 -5.80 -9.38
CA ASP A 118 -3.14 -5.13 -10.65
C ASP A 118 -3.55 -3.66 -10.45
N GLY A 119 -2.64 -2.90 -9.87
CA GLY A 119 -2.89 -1.51 -9.53
C GLY A 119 -1.75 -0.60 -9.90
N LEU A 120 -1.66 0.54 -9.22
CA LEU A 120 -0.68 1.60 -9.42
C LEU A 120 0.25 1.66 -8.23
N ALA A 121 1.58 1.53 -8.45
CA ALA A 121 2.56 1.61 -7.37
C ALA A 121 2.75 3.03 -6.86
N VAL A 122 2.72 3.21 -5.52
CA VAL A 122 2.84 4.54 -4.89
C VAL A 122 3.83 4.47 -3.72
N SER A 123 4.29 5.64 -3.29
CA SER A 123 5.22 5.86 -2.18
C SER A 123 4.55 6.87 -1.26
N ILE A 124 4.43 6.61 0.04
CA ILE A 124 3.77 7.50 1.01
C ILE A 124 4.74 7.79 2.13
N LEU A 125 5.06 9.08 2.36
CA LEU A 125 5.99 9.46 3.44
C LEU A 125 5.26 9.89 4.73
N TYR A 126 5.66 9.28 5.86
CA TYR A 126 5.19 9.62 7.18
C TYR A 126 6.37 10.23 7.92
N VAL A 127 6.23 11.49 8.33
CA VAL A 127 7.26 12.21 9.09
C VAL A 127 6.76 12.32 10.53
N ASN A 128 7.43 11.63 11.46
CA ASN A 128 7.07 11.56 12.89
C ASN A 128 5.62 11.10 13.04
N GLY A 129 5.29 10.08 12.24
CA GLY A 129 3.97 9.47 12.20
C GLY A 129 2.92 10.14 11.34
N GLU A 130 3.15 11.35 10.85
CA GLU A 130 2.14 12.07 10.06
C GLU A 130 2.36 11.95 8.58
N LEU A 131 1.28 11.70 7.80
CA LEU A 131 1.34 11.64 6.34
C LEU A 131 1.61 13.06 5.80
N THR A 132 2.77 13.25 5.16
CA THR A 132 3.16 14.57 4.61
C THR A 132 3.21 14.62 3.10
N GLN A 133 3.50 13.50 2.45
CA GLN A 133 3.69 13.46 1.01
C GLN A 133 3.37 12.08 0.43
N ALA A 134 2.86 12.05 -0.82
CA ALA A 134 2.64 10.80 -1.55
C ALA A 134 2.98 11.01 -3.04
N ALA A 135 3.64 10.04 -3.65
CA ALA A 135 4.03 10.12 -5.05
C ALA A 135 3.69 8.85 -5.83
N THR A 136 3.40 9.02 -7.13
CA THR A 136 3.21 7.89 -8.07
C THR A 136 4.61 7.30 -8.31
N ARG A 137 4.72 6.03 -8.73
CA ARG A 137 6.03 5.46 -9.04
C ARG A 137 6.68 6.22 -10.22
N GLY A 138 5.88 6.56 -11.23
CA GLY A 138 6.35 7.24 -12.43
C GLY A 138 7.24 6.30 -13.22
N ASP A 139 8.50 6.72 -13.46
CA ASP A 139 9.51 5.90 -14.16
C ASP A 139 10.48 5.19 -13.18
N GLY A 140 10.12 5.14 -11.88
CA GLY A 140 10.98 4.56 -10.85
C GLY A 140 11.94 5.54 -10.19
N THR A 141 12.23 6.68 -10.85
CA THR A 141 13.16 7.73 -10.37
C THR A 141 12.42 9.00 -10.06
N THR A 142 11.48 9.39 -10.93
CA THR A 142 10.67 10.59 -10.76
C THR A 142 9.20 10.18 -10.92
N GLY A 143 8.34 10.81 -10.13
CA GLY A 143 6.91 10.58 -10.14
C GLY A 143 6.17 11.87 -9.92
N GLU A 144 4.84 11.78 -9.68
CA GLU A 144 4.01 12.96 -9.46
C GLU A 144 3.46 13.02 -8.03
N ASP A 145 3.33 14.24 -7.51
CA ASP A 145 2.81 14.49 -6.18
C ASP A 145 1.29 14.30 -6.19
N ILE A 146 0.82 13.19 -5.58
CA ILE A 146 -0.61 12.85 -5.52
C ILE A 146 -1.07 12.80 -4.03
N THR A 147 -0.37 13.53 -3.14
CA THR A 147 -0.67 13.63 -1.70
C THR A 147 -2.15 13.84 -1.45
N ALA A 148 -2.77 14.83 -2.13
CA ALA A 148 -4.19 15.15 -1.92
C ALA A 148 -5.10 14.01 -2.29
N ASN A 149 -4.73 13.27 -3.34
CA ASN A 149 -5.47 12.10 -3.82
C ASN A 149 -5.34 10.91 -2.86
N ILE A 150 -4.11 10.58 -2.48
CA ILE A 150 -3.83 9.51 -1.52
C ILE A 150 -4.54 9.72 -0.15
N ARG A 151 -4.57 10.97 0.33
CA ARG A 151 -5.21 11.35 1.59
C ARG A 151 -6.69 10.99 1.62
N THR A 152 -7.36 10.92 0.48
CA THR A 152 -8.77 10.55 0.40
C THR A 152 -9.04 9.05 0.59
N ILE A 153 -8.00 8.21 0.43
CA ILE A 153 -8.15 6.76 0.47
C ILE A 153 -8.44 6.38 1.91
N ARG A 154 -9.59 5.73 2.13
CA ARG A 154 -10.11 5.43 3.45
C ARG A 154 -9.21 4.55 4.29
N ASN A 155 -8.59 3.51 3.69
CA ASN A 155 -7.71 2.62 4.44
C ASN A 155 -6.27 3.16 4.62
N VAL A 156 -5.99 4.40 4.17
CA VAL A 156 -4.67 5.00 4.32
C VAL A 156 -4.74 5.90 5.56
N PRO A 157 -3.95 5.60 6.61
CA PRO A 157 -4.02 6.43 7.82
C PRO A 157 -3.30 7.77 7.63
N LEU A 158 -3.89 8.86 8.12
CA LEU A 158 -3.26 10.18 8.06
C LEU A 158 -2.20 10.25 9.15
N GLN A 159 -2.24 9.34 10.13
CA GLN A 159 -1.21 9.23 11.15
C GLN A 159 -1.00 7.79 11.56
N LEU A 160 0.26 7.40 11.77
CA LEU A 160 0.59 6.04 12.17
C LEU A 160 0.04 5.77 13.56
N LEU A 161 -0.38 4.52 13.77
CA LEU A 161 -0.99 4.07 15.02
C LEU A 161 0.11 3.51 15.93
N THR A 162 0.86 4.44 16.52
CA THR A 162 1.99 4.14 17.39
C THR A 162 2.39 5.41 18.13
N ASP A 163 2.84 5.28 19.38
CA ASP A 163 3.28 6.42 20.18
C ASP A 163 4.73 6.74 19.95
N ASN A 164 5.47 5.83 19.30
CA ASN A 164 6.84 6.06 18.94
C ASN A 164 7.02 5.79 17.43
N PRO A 165 6.47 6.66 16.56
CA PRO A 165 6.64 6.47 15.12
C PRO A 165 8.08 6.78 14.64
N PRO A 166 8.55 6.16 13.52
CA PRO A 166 9.88 6.51 13.01
C PRO A 166 10.01 8.00 12.70
N ALA A 167 11.26 8.53 12.71
CA ALA A 167 11.51 9.93 12.34
C ALA A 167 10.93 10.12 10.94
N ARG A 168 11.22 9.18 10.05
CA ARG A 168 10.66 9.13 8.71
C ARG A 168 10.38 7.70 8.30
N LEU A 169 9.25 7.47 7.65
CA LEU A 169 8.91 6.15 7.11
C LEU A 169 8.22 6.34 5.77
N GLU A 170 8.76 5.75 4.73
CA GLU A 170 8.17 5.78 3.41
C GLU A 170 7.59 4.38 3.18
N VAL A 171 6.28 4.33 2.97
CA VAL A 171 5.51 3.13 2.75
C VAL A 171 5.27 3.01 1.24
N ARG A 172 5.52 1.84 0.68
CA ARG A 172 5.33 1.57 -0.73
C ARG A 172 4.28 0.51 -0.90
N GLY A 173 3.34 0.78 -1.78
CA GLY A 173 2.22 -0.15 -2.02
C GLY A 173 1.52 0.05 -3.34
N GLU A 174 0.50 -0.78 -3.55
CA GLU A 174 -0.38 -0.73 -4.71
C GLU A 174 -1.71 -0.14 -4.37
N VAL A 175 -2.12 0.87 -5.11
CA VAL A 175 -3.46 1.42 -5.00
C VAL A 175 -4.28 0.69 -6.09
N PHE A 176 -5.44 0.15 -5.73
CA PHE A 176 -6.31 -0.59 -6.66
C PHE A 176 -7.77 -0.36 -6.31
N MET A 177 -8.65 -0.80 -7.21
CA MET A 177 -10.10 -0.66 -7.05
C MET A 177 -10.73 -2.04 -7.00
N PRO A 178 -11.33 -2.44 -5.87
CA PRO A 178 -11.98 -3.75 -5.84
C PRO A 178 -13.13 -3.85 -6.86
N HIS A 179 -13.53 -5.08 -7.17
CA HIS A 179 -14.61 -5.37 -8.12
C HIS A 179 -15.93 -4.68 -7.81
N ALA A 180 -16.38 -4.73 -6.56
CA ALA A 180 -17.68 -4.11 -6.20
C ALA A 180 -17.68 -2.61 -6.46
N GLY A 181 -16.61 -1.93 -6.05
CA GLY A 181 -16.42 -0.50 -6.29
C GLY A 181 -16.38 -0.18 -7.78
N PHE A 182 -15.64 -0.99 -8.53
CA PHE A 182 -15.51 -0.86 -9.99
C PHE A 182 -16.86 -1.01 -10.68
N GLU A 183 -17.64 -2.01 -10.30
CA GLU A 183 -19.00 -2.20 -10.83
C GLU A 183 -19.92 -1.02 -10.50
N ARG A 184 -19.96 -0.56 -9.25
CA ARG A 184 -20.80 0.60 -8.89
C ARG A 184 -20.42 1.84 -9.71
N LEU A 185 -19.11 2.11 -9.84
CA LEU A 185 -18.57 3.26 -10.58
C LEU A 185 -19.08 3.29 -12.01
N ASN A 186 -18.93 2.17 -12.72
CA ASN A 186 -19.39 2.05 -14.11
C ASN A 186 -20.90 2.15 -14.24
N LYS A 187 -21.67 1.64 -13.28
CA LYS A 187 -23.13 1.73 -13.28
C LYS A 187 -23.53 3.21 -13.11
N TYR A 188 -22.87 3.93 -12.17
CA TYR A 188 -23.08 5.36 -11.94
C TYR A 188 -22.65 6.17 -13.17
N ALA A 189 -21.44 5.92 -13.73
CA ALA A 189 -20.95 6.63 -14.92
C ALA A 189 -21.81 6.40 -16.15
N LEU A 190 -22.47 5.23 -16.26
CA LEU A 190 -23.37 4.92 -17.38
C LEU A 190 -24.67 5.70 -17.21
N GLU A 191 -25.27 5.60 -16.01
CA GLU A 191 -26.53 6.27 -15.63
C GLU A 191 -26.38 7.81 -15.52
N HIS A 192 -25.15 8.37 -15.63
CA HIS A 192 -24.87 9.80 -15.63
C HIS A 192 -24.13 10.18 -16.94
N ASN A 193 -24.28 9.37 -18.01
CA ASN A 193 -23.66 9.61 -19.33
C ASN A 193 -22.22 10.15 -19.26
N GLU A 194 -21.36 9.50 -18.45
CA GLU A 194 -19.95 9.84 -18.28
C GLU A 194 -19.07 8.66 -18.75
N LYS A 195 -17.74 8.84 -18.66
CA LYS A 195 -16.73 7.85 -19.08
C LYS A 195 -16.74 6.58 -18.20
N THR A 196 -17.00 5.40 -18.81
CA THR A 196 -16.90 4.10 -18.14
C THR A 196 -15.46 3.61 -18.32
N PHE A 197 -15.00 2.76 -17.40
CA PHE A 197 -13.65 2.21 -17.40
C PHE A 197 -13.64 0.74 -17.82
N ALA A 198 -12.68 0.37 -18.68
CA ALA A 198 -12.53 -0.96 -19.23
C ALA A 198 -12.19 -2.02 -18.21
N ASN A 199 -11.43 -1.64 -17.18
CA ASN A 199 -11.02 -2.58 -16.14
C ASN A 199 -10.67 -1.85 -14.85
N PRO A 200 -10.66 -2.52 -13.69
CA PRO A 200 -10.34 -1.82 -12.43
C PRO A 200 -9.00 -1.08 -12.40
N ARG A 201 -7.97 -1.59 -13.08
CA ARG A 201 -6.65 -0.94 -13.13
C ARG A 201 -6.77 0.43 -13.75
N ASN A 202 -7.48 0.53 -14.89
CA ASN A 202 -7.72 1.79 -15.59
C ASN A 202 -8.52 2.77 -14.75
N ALA A 203 -9.50 2.27 -13.98
CA ALA A 203 -10.33 3.08 -13.07
C ALA A 203 -9.46 3.64 -11.93
N ALA A 204 -8.57 2.82 -11.35
CA ALA A 204 -7.67 3.25 -10.30
C ALA A 204 -6.70 4.32 -10.83
N ALA A 205 -6.13 4.10 -12.03
CA ALA A 205 -5.20 5.02 -12.70
C ALA A 205 -5.85 6.37 -12.95
N GLY A 206 -7.03 6.36 -13.55
CA GLY A 206 -7.76 7.59 -13.82
C GLY A 206 -8.17 8.36 -12.59
N SER A 207 -8.46 7.65 -11.50
CA SER A 207 -8.87 8.24 -10.22
C SER A 207 -7.71 8.96 -9.55
N LEU A 208 -6.53 8.36 -9.56
CA LEU A 208 -5.31 8.97 -9.03
C LEU A 208 -4.76 10.14 -9.88
N ARG A 209 -5.17 10.26 -11.17
CA ARG A 209 -4.76 11.37 -12.05
C ARG A 209 -5.73 12.54 -11.95
N GLN A 210 -6.79 12.37 -11.17
CA GLN A 210 -7.83 13.38 -10.96
C GLN A 210 -7.25 14.53 -10.13
N LEU A 211 -7.38 15.78 -10.62
CA LEU A 211 -6.86 16.98 -9.94
C LEU A 211 -7.74 17.45 -8.80
N ASP A 212 -9.03 17.13 -8.87
CA ASP A 212 -9.99 17.48 -7.85
C ASP A 212 -10.06 16.32 -6.83
N PRO A 213 -9.48 16.47 -5.60
CA PRO A 213 -9.59 15.37 -4.62
C PRO A 213 -11.01 15.02 -4.18
N ASN A 214 -11.99 15.87 -4.49
CA ASN A 214 -13.40 15.63 -4.21
C ASN A 214 -13.96 14.53 -5.11
N ILE A 215 -13.39 14.36 -6.29
CA ILE A 215 -13.79 13.30 -7.21
C ILE A 215 -13.05 12.01 -6.79
N THR A 216 -11.74 12.09 -6.49
CA THR A 216 -10.94 10.93 -6.04
C THR A 216 -11.57 10.30 -4.81
N SER A 217 -12.09 11.12 -3.90
CA SER A 217 -12.76 10.66 -2.67
C SER A 217 -14.01 9.79 -2.99
N LYS A 218 -14.74 10.12 -4.06
CA LYS A 218 -15.91 9.35 -4.52
C LYS A 218 -15.50 8.04 -5.22
N ARG A 219 -14.20 7.85 -5.54
CA ARG A 219 -13.67 6.65 -6.18
C ARG A 219 -13.28 5.64 -5.13
N PRO A 220 -13.82 4.41 -5.18
CA PRO A 220 -13.54 3.43 -4.12
C PRO A 220 -12.15 2.75 -4.19
N LEU A 221 -11.11 3.53 -3.95
CA LEU A 221 -9.71 3.08 -3.97
C LEU A 221 -9.23 2.48 -2.64
N VAL A 222 -8.33 1.46 -2.73
CA VAL A 222 -7.75 0.73 -1.61
C VAL A 222 -6.22 0.67 -1.80
N LEU A 223 -5.45 0.85 -0.71
CA LEU A 223 -3.99 0.62 -0.67
C LEU A 223 -3.69 -0.74 -0.03
N ASN A 224 -2.72 -1.47 -0.57
CA ASN A 224 -2.11 -2.65 0.05
C ASN A 224 -0.62 -2.41 0.01
N ALA A 225 0.02 -2.30 1.19
CA ALA A 225 1.45 -2.03 1.30
C ALA A 225 2.26 -3.27 1.06
N TYR A 226 3.31 -3.14 0.24
CA TYR A 226 4.22 -4.25 -0.12
C TYR A 226 5.67 -3.99 0.32
N GLY A 227 6.06 -2.75 0.55
CA GLY A 227 7.44 -2.45 0.90
C GLY A 227 7.66 -1.16 1.65
N ILE A 228 8.93 -0.93 2.01
CA ILE A 228 9.41 0.25 2.73
C ILE A 228 10.56 0.86 1.96
N GLY A 229 10.54 2.18 1.82
CA GLY A 229 11.62 2.96 1.22
C GLY A 229 12.44 3.53 2.35
N ILE A 230 12.42 4.86 2.54
CA ILE A 230 13.08 5.52 3.67
C ILE A 230 12.55 4.92 5.00
N ALA A 231 13.46 4.62 5.94
CA ALA A 231 13.11 4.14 7.29
C ALA A 231 14.13 4.64 8.29
N GLU A 232 13.90 5.83 8.83
CA GLU A 232 14.82 6.48 9.78
C GLU A 232 14.24 6.52 11.20
N GLY A 233 15.07 6.19 12.17
CA GLY A 233 14.69 6.23 13.58
C GLY A 233 13.92 5.02 14.01
N VAL A 234 14.25 3.86 13.42
CA VAL A 234 13.63 2.58 13.70
C VAL A 234 14.56 1.45 13.30
N ASP A 235 14.48 0.32 14.00
CA ASP A 235 15.23 -0.88 13.67
C ASP A 235 14.23 -1.82 13.08
N LEU A 236 14.23 -1.92 11.76
CA LEU A 236 13.28 -2.75 11.05
C LEU A 236 13.55 -4.23 11.24
N PRO A 237 12.51 -5.07 11.29
CA PRO A 237 12.72 -6.53 11.34
C PRO A 237 13.69 -7.05 10.27
N THR A 238 14.36 -8.16 10.56
CA THR A 238 15.36 -8.77 9.69
C THR A 238 14.80 -9.74 8.67
N THR A 239 13.46 -9.86 8.57
CA THR A 239 12.76 -10.65 7.56
C THR A 239 11.71 -9.74 6.92
N HIS A 240 11.34 -10.05 5.70
CA HIS A 240 10.41 -9.26 4.92
C HIS A 240 8.97 -9.42 5.43
N TYR A 241 8.55 -10.63 5.81
CA TYR A 241 7.21 -10.86 6.37
C TYR A 241 7.05 -10.08 7.67
N ALA A 242 8.03 -10.14 8.58
CA ALA A 242 7.98 -9.39 9.84
C ALA A 242 7.92 -7.90 9.64
N ARG A 243 8.52 -7.38 8.54
CA ARG A 243 8.42 -5.94 8.22
C ARG A 243 6.98 -5.58 7.79
N LEU A 244 6.30 -6.48 7.04
CA LEU A 244 4.91 -6.27 6.65
C LEU A 244 3.98 -6.38 7.85
N GLN A 245 4.25 -7.32 8.77
CA GLN A 245 3.52 -7.47 10.02
C GLN A 245 3.69 -6.24 10.89
N TRP A 246 4.92 -5.68 10.92
CA TRP A 246 5.22 -4.46 11.67
C TRP A 246 4.45 -3.27 11.09
N LEU A 247 4.46 -3.12 9.75
CA LEU A 247 3.67 -2.09 9.07
C LEU A 247 2.19 -2.21 9.49
N LYS A 248 1.65 -3.42 9.42
CA LYS A 248 0.27 -3.70 9.81
C LYS A 248 -0.03 -3.36 11.28
N SER A 249 0.92 -3.62 12.16
CA SER A 249 0.74 -3.35 13.60
C SER A 249 0.75 -1.84 13.95
N ILE A 250 1.27 -0.97 13.04
CA ILE A 250 1.29 0.48 13.24
C ILE A 250 0.26 1.20 12.35
N GLY A 251 -0.75 0.48 11.85
CA GLY A 251 -1.86 1.07 11.11
C GLY A 251 -1.86 1.03 9.59
N ILE A 252 -0.89 0.39 8.98
CA ILE A 252 -0.81 0.31 7.52
C ILE A 252 -1.48 -0.94 6.94
N PRO A 253 -2.32 -0.79 5.90
CA PRO A 253 -2.96 -1.99 5.31
C PRO A 253 -2.01 -2.86 4.48
N VAL A 254 -1.96 -4.17 4.73
CA VAL A 254 -1.17 -5.12 3.95
C VAL A 254 -2.14 -6.21 3.51
N ASN A 255 -1.85 -6.88 2.38
CA ASN A 255 -2.73 -7.91 1.86
C ASN A 255 -2.81 -9.11 2.82
N PRO A 256 -4.04 -9.65 3.10
CA PRO A 256 -4.14 -10.80 4.04
C PRO A 256 -3.78 -12.18 3.46
N GLU A 257 -3.56 -12.28 2.14
CA GLU A 257 -3.24 -13.56 1.49
C GLU A 257 -1.76 -13.89 1.54
N ILE A 258 -0.93 -13.03 2.16
CA ILE A 258 0.50 -13.26 2.26
C ILE A 258 0.83 -14.44 3.16
N ARG A 259 1.75 -15.32 2.68
CA ARG A 259 2.21 -16.51 3.40
C ARG A 259 3.73 -16.71 3.29
N LEU A 260 4.27 -17.54 4.18
CA LEU A 260 5.68 -17.97 4.19
C LEU A 260 5.69 -19.40 3.68
N CYS A 261 6.56 -19.69 2.69
CA CYS A 261 6.67 -21.02 2.04
C CYS A 261 8.15 -21.41 2.00
N ASN A 262 8.47 -22.63 2.43
CA ASN A 262 9.85 -23.16 2.44
C ASN A 262 10.11 -24.00 1.21
N GLY A 263 10.99 -23.54 0.33
CA GLY A 263 11.34 -24.27 -0.88
C GLY A 263 10.38 -24.02 -2.03
N ALA A 264 10.87 -24.29 -3.23
CA ALA A 264 10.16 -24.06 -4.49
C ALA A 264 8.84 -24.77 -4.64
N ASP A 265 8.74 -26.04 -4.19
CA ASP A 265 7.51 -26.84 -4.31
C ASP A 265 6.40 -26.27 -3.44
N GLU A 266 6.73 -25.75 -2.22
CA GLU A 266 5.72 -25.11 -1.35
C GLU A 266 5.29 -23.82 -2.02
N VAL A 267 6.27 -23.04 -2.51
CA VAL A 267 6.00 -21.79 -3.22
C VAL A 267 5.07 -22.02 -4.42
N LEU A 268 5.25 -23.12 -5.15
CA LEU A 268 4.40 -23.45 -6.30
C LEU A 268 2.98 -23.87 -5.89
N GLY A 269 2.82 -24.49 -4.71
CA GLY A 269 1.50 -24.81 -4.19
C GLY A 269 0.72 -23.53 -3.92
N PHE A 270 1.38 -22.54 -3.27
CA PHE A 270 0.82 -21.21 -3.03
C PHE A 270 0.36 -20.56 -4.32
N TYR A 271 1.19 -20.62 -5.36
CA TYR A 271 0.87 -20.06 -6.67
C TYR A 271 -0.41 -20.69 -7.24
N ARG A 272 -0.52 -22.04 -7.15
CA ARG A 272 -1.72 -22.75 -7.62
C ARG A 272 -2.94 -22.44 -6.73
N ASP A 273 -2.74 -22.27 -5.41
CA ASP A 273 -3.84 -21.90 -4.48
C ASP A 273 -4.39 -20.52 -4.82
N ILE A 274 -3.51 -19.50 -5.01
CA ILE A 274 -3.93 -18.14 -5.38
C ILE A 274 -4.59 -18.15 -6.73
N GLN A 275 -4.10 -18.98 -7.66
CA GLN A 275 -4.69 -19.09 -9.01
C GLN A 275 -6.16 -19.61 -8.94
N ASN A 276 -6.45 -20.56 -8.01
CA ASN A 276 -7.79 -21.13 -7.83
C ASN A 276 -8.69 -20.18 -7.03
N LYS A 277 -8.14 -19.51 -5.99
CA LYS A 277 -8.84 -18.49 -5.18
C LYS A 277 -9.14 -17.24 -6.02
N ARG A 278 -8.37 -17.00 -7.08
CA ARG A 278 -8.47 -15.82 -7.95
C ARG A 278 -9.91 -15.45 -8.27
N SER A 279 -10.73 -16.46 -8.57
CA SER A 279 -12.17 -16.29 -8.90
C SER A 279 -13.03 -15.77 -7.74
N SER A 280 -12.49 -15.68 -6.52
CA SER A 280 -13.23 -15.29 -5.33
C SER A 280 -12.56 -14.20 -4.49
N LEU A 281 -11.51 -13.49 -5.00
CA LEU A 281 -10.83 -12.47 -4.17
C LEU A 281 -11.56 -11.15 -4.03
N GLY A 282 -12.29 -10.71 -5.06
CA GLY A 282 -12.99 -9.41 -5.05
C GLY A 282 -12.16 -8.25 -5.54
N TYR A 283 -11.00 -8.55 -6.12
CA TYR A 283 -10.09 -7.57 -6.75
C TYR A 283 -9.27 -8.34 -7.77
N ASP A 284 -8.67 -7.61 -8.71
CA ASP A 284 -7.84 -8.22 -9.75
C ASP A 284 -6.40 -8.42 -9.28
N ILE A 285 -5.84 -9.56 -9.70
CA ILE A 285 -4.44 -9.94 -9.53
C ILE A 285 -3.95 -10.49 -10.89
N ASP A 286 -2.65 -10.36 -11.22
CA ASP A 286 -2.12 -10.95 -12.47
C ASP A 286 -1.00 -11.99 -12.22
N GLY A 287 -0.74 -12.31 -10.96
CA GLY A 287 0.28 -13.28 -10.61
C GLY A 287 0.53 -13.32 -9.12
N THR A 288 1.70 -13.80 -8.74
CA THR A 288 2.17 -13.86 -7.34
C THR A 288 3.55 -13.27 -7.28
N VAL A 289 3.85 -12.47 -6.24
CA VAL A 289 5.19 -11.92 -6.01
C VAL A 289 5.89 -12.81 -4.99
N LEU A 290 6.98 -13.46 -5.39
CA LEU A 290 7.74 -14.40 -4.57
C LEU A 290 9.08 -13.78 -4.24
N LYS A 291 9.35 -13.53 -2.93
CA LYS A 291 10.54 -12.82 -2.47
C LYS A 291 11.33 -13.67 -1.47
N ILE A 292 12.67 -13.47 -1.42
CA ILE A 292 13.51 -14.17 -0.43
C ILE A 292 13.18 -13.47 0.89
N ASN A 293 12.74 -14.23 1.90
CA ASN A 293 12.29 -13.67 3.16
C ASN A 293 13.40 -13.07 4.00
N ASP A 294 14.54 -13.75 4.12
CA ASP A 294 15.65 -13.21 4.92
C ASP A 294 16.26 -11.96 4.29
N ILE A 295 16.30 -10.86 5.03
CA ILE A 295 16.83 -9.58 4.54
C ILE A 295 18.35 -9.64 4.27
N ALA A 296 19.14 -10.36 5.10
CA ALA A 296 20.58 -10.45 4.88
C ALA A 296 20.84 -11.18 3.55
N LEU A 297 20.08 -12.25 3.23
CA LEU A 297 20.18 -12.94 1.93
C LEU A 297 19.78 -12.05 0.75
N GLN A 298 18.79 -11.14 0.93
CA GLN A 298 18.39 -10.18 -0.10
C GLN A 298 19.54 -9.23 -0.39
N ASN A 299 20.14 -8.66 0.68
CA ASN A 299 21.28 -7.75 0.59
C ASN A 299 22.47 -8.41 -0.12
N GLU A 300 22.71 -9.70 0.17
CA GLU A 300 23.78 -10.49 -0.44
C GLU A 300 23.53 -10.60 -1.93
N LEU A 301 22.33 -11.08 -2.32
CA LEU A 301 21.93 -11.22 -3.72
C LEU A 301 21.86 -9.89 -4.48
N GLY A 302 21.52 -8.82 -3.79
CA GLY A 302 21.45 -7.49 -4.38
C GLY A 302 20.50 -7.36 -5.54
N PHE A 303 20.78 -6.38 -6.41
CA PHE A 303 19.98 -6.11 -7.59
C PHE A 303 20.80 -6.17 -8.89
N ILE A 304 20.09 -6.18 -10.01
CA ILE A 304 20.64 -6.20 -11.36
C ILE A 304 20.17 -4.91 -12.04
N SER A 305 21.10 -4.12 -12.59
CA SER A 305 20.77 -2.88 -13.32
C SER A 305 20.11 -3.23 -14.65
N LYS A 306 19.51 -2.25 -15.35
CA LYS A 306 18.85 -2.52 -16.64
C LYS A 306 19.87 -3.28 -17.55
N ALA A 307 19.55 -4.55 -17.87
CA ALA A 307 20.44 -5.44 -18.60
C ALA A 307 19.66 -6.37 -19.50
N PRO A 308 20.29 -6.88 -20.59
CA PRO A 308 19.58 -7.85 -21.45
C PRO A 308 19.42 -9.20 -20.79
N ARG A 309 18.37 -9.95 -21.20
CA ARG A 309 18.12 -11.31 -20.71
C ARG A 309 18.88 -12.35 -21.56
N TRP A 310 19.49 -11.89 -22.65
CA TRP A 310 20.16 -12.74 -23.62
C TRP A 310 21.68 -12.76 -23.46
N ALA A 311 22.22 -12.07 -22.44
CA ALA A 311 23.67 -12.03 -22.22
C ALA A 311 24.04 -12.20 -20.77
N ILE A 312 25.25 -12.69 -20.53
CA ILE A 312 25.82 -12.84 -19.19
C ILE A 312 27.36 -12.80 -19.27
N ALA A 313 27.96 -12.18 -18.30
CA ALA A 313 29.39 -12.11 -18.10
C ALA A 313 29.75 -13.16 -17.07
N TYR A 314 30.40 -14.25 -17.47
CA TYR A 314 30.80 -15.27 -16.53
C TYR A 314 32.21 -14.82 -16.14
N LYS A 315 32.33 -14.35 -14.88
CA LYS A 315 33.53 -13.77 -14.33
C LYS A 315 34.47 -14.85 -13.77
N PHE A 316 35.78 -14.61 -13.89
CA PHE A 316 36.76 -15.57 -13.36
C PHE A 316 36.90 -15.39 -11.84
N PRO A 317 37.18 -16.48 -11.09
CA PRO A 317 37.45 -16.32 -9.65
C PRO A 317 38.58 -15.31 -9.37
N4 IA7 B . 1.43 -6.28 -5.83
C11 IA7 B . 2.55 -6.12 -5.77
C8 IA7 B . 3.96 -5.92 -5.62
C7 IA7 B . 4.63 -5.02 -6.48
N5 IA7 B . 3.95 -4.36 -7.47
C9 IA7 B . 4.65 -6.57 -4.56
N3 IA7 B . 4.01 -7.42 -3.73
N1 IA7 B . 5.95 -6.39 -4.35
C10 IA7 B . 6.63 -5.53 -5.16
N2 IA7 B . 7.96 -5.43 -4.84
C4 IA7 B . 8.68 -4.61 -5.59
C1 IA7 B . 10.17 -4.51 -5.23
C3 IA7 B . 10.74 -5.74 -4.51
C2 IA7 B . 10.32 -3.30 -4.31
C IA7 B . 11.03 -4.27 -6.48
C6 IA7 B . 6.05 -4.76 -6.29
C5 IA7 B . 7.00 -3.93 -6.96
N IA7 B . 8.29 -3.85 -6.60
C12 IA7 B . 6.65 -3.03 -8.08
S IA7 B . 7.56 -3.24 -9.54
C14 IA7 B . 6.69 -1.92 -10.24
C13 IA7 B . 5.82 -1.42 -9.35
N6 IA7 B . 5.80 -2.02 -8.11
C1 IWH C . -22.15 5.73 6.96
N1 IWH C . -16.56 2.52 8.03
O1 IWH C . -15.21 3.88 6.81
C2 IWH C . -20.92 4.86 6.91
N2 IWH C . -15.82 1.28 12.62
O2 IWH C . -17.60 0.54 11.51
C3 IWH C . -19.87 5.07 7.79
C4 IWH C . -18.76 4.25 7.78
C5 IWH C . -18.65 3.22 6.86
C6 IWH C . -19.68 3.02 5.93
C7 IWH C . -20.81 3.83 5.99
C8 IWH C . -19.58 2.00 4.81
C9 IWH C . -17.44 2.32 6.86
C10 IWH C . -16.87 1.90 9.22
C11 IWH C . -16.08 1.96 10.33
C12 IWH C . -14.87 2.74 10.18
C13 IWH C . -14.56 3.37 9.03
C14 IWH C . -15.42 3.30 7.88
C15 IWH C . -16.57 1.23 11.53
#